data_4HYB
#
_entry.id   4HYB
#
_cell.length_a   77.450
_cell.length_b   162.168
_cell.length_c   45.208
_cell.angle_alpha   90.00
_cell.angle_beta   90.00
_cell.angle_gamma   90.00
#
_symmetry.space_group_name_H-M   'P 21 21 2'
#
loop_
_entity.id
_entity.type
_entity.pdbx_description
1 polymer 'Chaperone protein DnaK'
2 polymer Pyrrhocoricin
3 non-polymer 'SULFATE ION'
4 water water
#
loop_
_entity_poly.entity_id
_entity_poly.type
_entity_poly.pdbx_seq_one_letter_code
_entity_poly.pdbx_strand_id
1 'polypeptide(L)'
;VLLLDVTPLSLGIETMGGVMTTLIAKNTTIPTKHSQVFSTAEDNQSAVTIHVLQGERKRAADNKSLGQFNLDGINPAPRG
MPQIEVTFDIDADGILHVSAKDKNSGKEQKITIKASSGLNEDEIQKMVRDAEANAEADRKFEELVQTRNQGDHLLHSTRK
QVEEAGDKLPADDKTAIESALTALETALKGEDKAAIEAKMQELAQVSQKLMEIAQQQHA
;
A,B
2 'polypeptide(L)' VDKLY(ALC)IPRPP C,D
#
loop_
_chem_comp.id
_chem_comp.type
_chem_comp.name
_chem_comp.formula
SO4 non-polymer 'SULFATE ION' 'O4 S -2'
#
# COMPACT_ATOMS: atom_id res chain seq x y z
N VAL A 1 15.46 14.22 -33.39
CA VAL A 1 14.63 12.96 -33.68
C VAL A 1 13.21 13.13 -33.15
N LEU A 2 12.23 12.61 -33.87
CA LEU A 2 10.84 12.77 -33.49
C LEU A 2 10.34 11.48 -32.80
N LEU A 3 11.12 10.42 -32.84
CA LEU A 3 10.67 9.24 -32.08
C LEU A 3 11.86 8.56 -31.53
N LEU A 4 11.66 7.79 -30.48
CA LEU A 4 12.65 6.92 -29.97
C LEU A 4 12.07 5.90 -28.97
N ASP A 5 12.85 4.92 -28.63
CA ASP A 5 12.48 3.90 -27.68
C ASP A 5 12.81 4.35 -26.24
N VAL A 6 11.82 4.24 -25.38
CA VAL A 6 12.05 4.40 -23.97
C VAL A 6 11.55 3.16 -23.21
N THR A 7 12.01 3.02 -21.99
CA THR A 7 11.34 2.11 -21.05
C THR A 7 10.19 2.91 -20.36
N PRO A 8 8.98 2.39 -20.42
CA PRO A 8 7.82 3.20 -20.11
C PRO A 8 7.51 3.44 -18.61
N LEU A 9 8.11 2.66 -17.75
CA LEU A 9 7.85 2.72 -16.31
C LEU A 9 9.16 2.54 -15.53
N SER A 10 9.21 3.06 -14.31
CA SER A 10 10.39 2.95 -13.53
C SER A 10 10.69 1.49 -13.27
N LEU A 11 11.96 1.15 -13.13
CA LEU A 11 12.40 -0.20 -12.84
C LEU A 11 13.33 -0.16 -11.66
N GLY A 12 13.16 -1.11 -10.77
CA GLY A 12 13.96 -1.12 -9.53
C GLY A 12 13.82 -2.41 -8.75
N ILE A 13 14.18 -2.33 -7.46
CA ILE A 13 14.11 -3.51 -6.56
C ILE A 13 13.38 -3.25 -5.29
N GLU A 14 13.05 -4.34 -4.56
CA GLU A 14 12.47 -4.10 -3.21
C GLU A 14 13.60 -3.94 -2.17
N THR A 15 13.48 -2.90 -1.35
CA THR A 15 14.46 -2.65 -0.27
C THR A 15 13.71 -2.75 1.08
N MET A 16 14.51 -2.70 2.16
CA MET A 16 14.04 -2.92 3.55
C MET A 16 12.72 -2.19 3.85
N GLY A 17 11.74 -2.93 4.35
CA GLY A 17 10.46 -2.31 4.82
C GLY A 17 9.38 -2.37 3.77
N GLY A 18 9.68 -2.99 2.59
CA GLY A 18 8.60 -3.18 1.55
C GLY A 18 8.50 -2.03 0.55
N VAL A 19 9.59 -1.25 0.41
CA VAL A 19 9.61 -0.09 -0.57
C VAL A 19 10.26 -0.48 -1.93
N MET A 20 9.83 0.17 -3.02
CA MET A 20 10.45 -0.05 -4.34
C MET A 20 11.47 1.06 -4.40
N THR A 21 12.72 0.66 -4.63
CA THR A 21 13.79 1.63 -4.88
C THR A 21 14.20 1.62 -6.37
N THR A 22 14.10 2.76 -7.03
CA THR A 22 14.26 2.79 -8.50
C THR A 22 15.72 2.79 -8.93
N LEU A 23 16.08 2.00 -9.97
CA LEU A 23 17.40 2.06 -10.61
C LEU A 23 17.28 2.72 -11.98
N ILE A 24 16.16 2.54 -12.72
CA ILE A 24 16.01 3.25 -13.98
C ILE A 24 14.66 4.01 -13.96
N ALA A 25 14.65 5.34 -14.21
CA ALA A 25 13.40 6.07 -14.12
C ALA A 25 12.51 5.82 -15.33
N LYS A 26 11.20 5.95 -15.11
CA LYS A 26 10.29 5.93 -16.28
C LYS A 26 10.70 6.94 -17.38
N ASN A 27 10.51 6.49 -18.58
CA ASN A 27 10.70 7.27 -19.79
C ASN A 27 12.15 7.51 -20.08
N THR A 28 13.03 6.74 -19.45
CA THR A 28 14.49 6.76 -19.81
C THR A 28 14.73 6.17 -21.24
N THR A 29 15.61 6.81 -22.04
CA THR A 29 15.82 6.24 -23.37
C THR A 29 16.60 4.95 -23.28
N ILE A 30 16.25 4.02 -24.16
CA ILE A 30 17.05 2.77 -24.25
C ILE A 30 17.89 2.65 -25.57
N PRO A 31 19.05 1.98 -25.52
CA PRO A 31 19.63 1.30 -24.35
C PRO A 31 20.11 2.19 -23.19
N THR A 32 20.13 1.62 -21.99
CA THR A 32 20.60 2.36 -20.80
C THR A 32 21.13 1.38 -19.79
N LYS A 33 21.97 1.89 -18.87
CA LYS A 33 22.44 0.97 -17.83
C LYS A 33 22.61 1.83 -16.60
N HIS A 34 22.27 1.28 -15.46
CA HIS A 34 22.58 1.96 -14.22
C HIS A 34 22.95 0.92 -13.14
N SER A 35 23.94 1.28 -12.31
CA SER A 35 24.29 0.43 -11.17
C SER A 35 24.20 1.24 -9.90
N GLN A 36 23.95 0.51 -8.81
CA GLN A 36 23.88 1.20 -7.52
C GLN A 36 24.31 0.19 -6.47
N VAL A 37 25.11 0.65 -5.48
CA VAL A 37 25.44 -0.27 -4.38
C VAL A 37 24.41 -0.28 -3.25
N PHE A 38 24.08 -1.48 -2.78
CA PHE A 38 23.17 -1.73 -1.66
C PHE A 38 23.89 -2.51 -0.59
N SER A 39 23.29 -2.62 0.58
CA SER A 39 23.85 -3.51 1.61
C SER A 39 22.76 -4.38 2.27
N THR A 40 23.15 -5.05 3.34
CA THR A 40 22.21 -5.93 4.03
C THR A 40 21.44 -5.18 5.11
N ALA A 41 20.18 -5.65 5.28
CA ALA A 41 19.29 -5.03 6.28
C ALA A 41 19.53 -5.36 7.72
N GLU A 42 20.04 -6.58 7.99
CA GLU A 42 20.29 -6.98 9.38
C GLU A 42 21.66 -7.56 9.54
N ASP A 43 22.08 -7.67 10.77
CA ASP A 43 23.39 -8.31 11.05
C ASP A 43 23.47 -9.80 10.63
N ASN A 44 24.67 -10.22 10.22
CA ASN A 44 24.92 -11.62 9.88
C ASN A 44 24.14 -12.18 8.74
N GLN A 45 23.69 -11.34 7.81
CA GLN A 45 22.89 -11.82 6.73
C GLN A 45 23.77 -12.44 5.63
N SER A 46 23.47 -13.64 5.22
CA SER A 46 24.30 -14.35 4.29
CA SER A 46 24.33 -14.33 4.28
C SER A 46 23.73 -14.34 2.86
N ALA A 47 22.53 -13.81 2.72
CA ALA A 47 21.75 -13.88 1.44
C ALA A 47 20.89 -12.66 1.33
N VAL A 48 20.64 -12.26 0.07
CA VAL A 48 19.61 -11.25 -0.25
C VAL A 48 18.75 -11.80 -1.37
N THR A 49 17.50 -11.35 -1.40
CA THR A 49 16.66 -11.58 -2.58
C THR A 49 16.52 -10.24 -3.38
N ILE A 50 16.82 -10.33 -4.64
CA ILE A 50 16.69 -9.19 -5.60
C ILE A 50 15.34 -9.43 -6.30
N HIS A 51 14.38 -8.58 -5.98
N HIS A 51 14.35 -8.60 -5.92
CA HIS A 51 13.06 -8.68 -6.52
CA HIS A 51 12.98 -8.60 -6.45
C HIS A 51 12.93 -7.51 -7.47
C HIS A 51 12.97 -7.49 -7.50
N VAL A 52 12.77 -7.86 -8.75
CA VAL A 52 12.78 -6.89 -9.83
C VAL A 52 11.39 -6.36 -10.05
N LEU A 53 11.19 -5.03 -10.03
CA LEU A 53 9.83 -4.44 -10.07
C LEU A 53 9.73 -3.39 -11.16
N GLN A 54 8.53 -3.26 -11.74
CA GLN A 54 8.26 -2.24 -12.72
C GLN A 54 7.04 -1.45 -12.23
N GLY A 55 7.22 -0.13 -12.14
CA GLY A 55 6.10 0.75 -11.82
C GLY A 55 6.51 1.95 -10.99
N GLU A 56 5.49 2.73 -10.60
CA GLU A 56 5.66 4.06 -10.01
C GLU A 56 5.16 4.17 -8.59
N ARG A 57 4.77 3.04 -7.98
CA ARG A 57 4.27 3.09 -6.60
C ARG A 57 5.40 2.90 -5.61
N LYS A 58 5.18 3.43 -4.40
CA LYS A 58 6.27 3.36 -3.41
C LYS A 58 6.26 2.02 -2.65
N ARG A 59 5.08 1.44 -2.50
CA ARG A 59 4.96 0.06 -1.90
C ARG A 59 5.41 -0.92 -2.99
N ALA A 60 6.48 -1.68 -2.70
CA ALA A 60 6.94 -2.74 -3.60
C ALA A 60 5.75 -3.61 -4.07
N ALA A 61 4.87 -4.01 -3.12
CA ALA A 61 3.78 -4.90 -3.43
C ALA A 61 2.80 -4.34 -4.54
N ASP A 62 2.77 -3.02 -4.81
CA ASP A 62 1.82 -2.41 -5.70
C ASP A 62 2.40 -2.33 -7.09
N ASN A 63 3.68 -2.72 -7.23
CA ASN A 63 4.33 -2.70 -8.55
C ASN A 63 4.26 -4.06 -9.21
N LYS A 64 4.56 -4.10 -10.51
CA LYS A 64 4.55 -5.31 -11.28
C LYS A 64 5.82 -6.10 -11.06
N SER A 65 5.69 -7.31 -10.60
CA SER A 65 6.92 -8.14 -10.52
C SER A 65 7.40 -8.70 -11.84
N LEU A 66 8.65 -8.43 -12.21
CA LEU A 66 9.25 -8.97 -13.45
C LEU A 66 10.11 -10.22 -13.20
N GLY A 67 10.47 -10.49 -11.97
CA GLY A 67 11.26 -11.69 -11.68
C GLY A 67 11.99 -11.52 -10.37
N GLN A 68 12.70 -12.57 -9.94
CA GLN A 68 13.51 -12.45 -8.73
C GLN A 68 14.56 -13.51 -8.70
N PHE A 69 15.59 -13.24 -7.89
CA PHE A 69 16.61 -14.23 -7.72
C PHE A 69 17.26 -13.98 -6.39
N ASN A 70 17.94 -15.02 -5.86
CA ASN A 70 18.72 -14.86 -4.66
C ASN A 70 20.23 -14.75 -4.93
N LEU A 71 20.90 -14.00 -4.07
CA LEU A 71 22.37 -13.96 -4.05
C LEU A 71 22.74 -14.47 -2.67
N ASP A 72 23.51 -15.55 -2.61
CA ASP A 72 23.95 -15.99 -1.32
C ASP A 72 25.50 -16.21 -1.25
N GLY A 73 25.96 -16.70 -0.13
CA GLY A 73 27.41 -16.84 0.16
C GLY A 73 28.08 -15.54 0.62
N ILE A 74 27.27 -14.57 1.04
CA ILE A 74 27.84 -13.36 1.66
C ILE A 74 28.39 -13.77 3.02
N ASN A 75 29.61 -13.32 3.33
CA ASN A 75 30.16 -13.61 4.63
C ASN A 75 29.29 -12.84 5.70
N PRO A 76 28.80 -13.54 6.75
CA PRO A 76 27.98 -12.84 7.78
C PRO A 76 28.75 -11.72 8.44
N ALA A 77 28.16 -10.52 8.37
CA ALA A 77 28.85 -9.34 8.80
C ALA A 77 27.82 -8.36 9.29
N PRO A 78 28.25 -7.26 9.93
CA PRO A 78 27.30 -6.25 10.45
C PRO A 78 26.42 -5.66 9.33
N ARG A 79 25.18 -5.34 9.68
CA ARG A 79 24.30 -4.71 8.68
C ARG A 79 25.00 -3.49 8.06
N GLY A 80 24.88 -3.31 6.75
CA GLY A 80 25.42 -2.12 6.11
C GLY A 80 26.87 -2.27 5.67
N MET A 81 27.50 -3.37 6.08
CA MET A 81 28.89 -3.60 5.66
C MET A 81 29.05 -4.21 4.24
N PRO A 82 28.32 -5.28 3.90
CA PRO A 82 28.49 -5.82 2.55
C PRO A 82 28.14 -4.78 1.49
N GLN A 83 28.84 -4.87 0.40
CA GLN A 83 28.69 -3.93 -0.73
CA GLN A 83 28.67 -3.94 -0.74
C GLN A 83 28.17 -4.75 -1.91
N ILE A 84 26.86 -4.69 -2.14
CA ILE A 84 26.26 -5.47 -3.20
C ILE A 84 25.89 -4.55 -4.37
N GLU A 85 26.61 -4.69 -5.48
CA GLU A 85 26.45 -3.85 -6.65
C GLU A 85 25.32 -4.45 -7.46
N VAL A 86 24.28 -3.67 -7.65
CA VAL A 86 23.11 -4.13 -8.48
C VAL A 86 23.09 -3.33 -9.74
N THR A 87 23.00 -4.01 -10.89
CA THR A 87 23.10 -3.39 -12.18
C THR A 87 21.89 -3.78 -13.03
N PHE A 88 21.19 -2.78 -13.54
CA PHE A 88 20.12 -2.98 -14.50
C PHE A 88 20.66 -2.49 -15.81
N ASP A 89 20.57 -3.32 -16.83
CA ASP A 89 21.02 -2.91 -18.16
C ASP A 89 19.97 -3.27 -19.17
N ILE A 90 19.44 -2.27 -19.89
CA ILE A 90 18.46 -2.62 -20.99
C ILE A 90 19.10 -2.40 -22.34
N ASP A 91 19.08 -3.42 -23.21
CA ASP A 91 19.68 -3.27 -24.51
C ASP A 91 18.76 -2.56 -25.53
N ALA A 92 19.22 -2.39 -26.77
CA ALA A 92 18.49 -1.63 -27.76
C ALA A 92 17.19 -2.34 -28.17
N ASP A 93 17.11 -3.67 -27.90
CA ASP A 93 15.91 -4.48 -28.19
C ASP A 93 14.99 -4.62 -26.96
N GLY A 94 15.27 -3.88 -25.89
CA GLY A 94 14.31 -3.87 -24.72
C GLY A 94 14.57 -5.02 -23.79
N ILE A 95 15.66 -5.80 -23.98
CA ILE A 95 15.95 -6.93 -23.07
C ILE A 95 16.64 -6.41 -21.81
N LEU A 96 16.11 -6.82 -20.66
CA LEU A 96 16.58 -6.33 -19.38
C LEU A 96 17.45 -7.38 -18.69
N HIS A 97 18.72 -6.99 -18.40
CA HIS A 97 19.62 -7.86 -17.66
C HIS A 97 19.82 -7.25 -16.28
N VAL A 98 19.56 -8.03 -15.24
CA VAL A 98 19.76 -7.52 -13.88
C VAL A 98 20.82 -8.43 -13.27
N SER A 99 21.87 -7.85 -12.62
CA SER A 99 22.89 -8.69 -11.90
C SER A 99 23.10 -8.10 -10.51
N ALA A 100 23.50 -8.97 -9.56
CA ALA A 100 23.87 -8.48 -8.26
C ALA A 100 25.22 -9.13 -7.94
N LYS A 101 26.16 -8.35 -7.40
CA LYS A 101 27.47 -8.94 -7.12
C LYS A 101 27.91 -8.48 -5.75
N ASP A 102 28.29 -9.43 -4.88
CA ASP A 102 28.83 -9.05 -3.54
C ASP A 102 30.32 -8.77 -3.67
N LYS A 103 30.72 -7.51 -3.39
CA LYS A 103 32.13 -7.18 -3.65
C LYS A 103 33.09 -8.02 -2.85
N ASN A 104 32.80 -8.24 -1.59
CA ASN A 104 33.78 -8.99 -0.76
C ASN A 104 33.98 -10.39 -1.27
N SER A 105 32.89 -11.15 -1.43
CA SER A 105 33.03 -12.58 -1.76
C SER A 105 33.21 -12.77 -3.30
N GLY A 106 32.86 -11.75 -4.12
CA GLY A 106 32.86 -11.88 -5.56
C GLY A 106 31.64 -12.69 -6.09
N LYS A 107 30.72 -13.08 -5.22
CA LYS A 107 29.60 -13.94 -5.71
C LYS A 107 28.67 -13.07 -6.49
N GLU A 108 28.16 -13.64 -7.60
CA GLU A 108 27.26 -12.89 -8.45
C GLU A 108 26.12 -13.75 -8.91
N GLN A 109 24.95 -13.16 -9.08
CA GLN A 109 23.83 -13.90 -9.72
C GLN A 109 23.16 -12.93 -10.72
N LYS A 110 22.44 -13.45 -11.71
CA LYS A 110 21.85 -12.55 -12.74
C LYS A 110 20.56 -13.23 -13.23
N ILE A 111 19.68 -12.43 -13.81
CA ILE A 111 18.52 -12.97 -14.55
C ILE A 111 18.35 -12.12 -15.81
N THR A 112 17.74 -12.71 -16.85
CA THR A 112 17.43 -12.00 -18.05
C THR A 112 15.91 -11.94 -18.17
N ILE A 113 15.39 -10.76 -18.50
CA ILE A 113 13.95 -10.48 -18.58
C ILE A 113 13.59 -10.00 -20.01
N LYS A 114 12.72 -10.75 -20.73
CA LYS A 114 12.34 -10.42 -22.07
C LYS A 114 11.64 -9.09 -22.22
N ALA A 115 11.84 -8.39 -23.38
CA ALA A 115 11.21 -7.11 -23.62
C ALA A 115 9.71 -7.10 -23.61
N SER A 116 9.12 -8.27 -23.83
CA SER A 116 7.64 -8.34 -23.79
C SER A 116 7.05 -8.38 -22.36
N SER A 117 7.91 -8.58 -21.36
CA SER A 117 7.46 -8.66 -19.95
C SER A 117 6.85 -7.33 -19.48
N GLY A 118 6.22 -7.42 -18.32
CA GLY A 118 5.69 -6.20 -17.69
C GLY A 118 4.31 -5.79 -18.19
N LEU A 119 3.98 -4.54 -17.89
CA LEU A 119 2.65 -3.96 -18.13
C LEU A 119 2.45 -3.46 -19.56
N ASN A 120 1.21 -3.67 -20.06
CA ASN A 120 0.88 -3.24 -21.42
C ASN A 120 0.46 -1.75 -21.43
N GLU A 121 0.15 -1.22 -22.58
CA GLU A 121 -0.10 0.24 -22.70
C GLU A 121 -1.21 0.71 -21.75
N ASP A 122 -2.35 0.01 -21.74
CA ASP A 122 -3.46 0.33 -20.84
C ASP A 122 -3.01 0.32 -19.34
N GLU A 123 -2.30 -0.73 -18.94
CA GLU A 123 -1.84 -0.87 -17.54
C GLU A 123 -0.76 0.15 -17.21
N ILE A 124 0.04 0.55 -18.22
CA ILE A 124 1.05 1.65 -18.05
C ILE A 124 0.35 2.95 -17.73
N GLN A 125 -0.66 3.30 -18.52
CA GLN A 125 -1.43 4.53 -18.24
C GLN A 125 -2.14 4.45 -16.88
N LYS A 126 -2.65 3.28 -16.50
CA LYS A 126 -3.38 3.15 -15.24
C LYS A 126 -2.40 3.30 -14.07
N MET A 127 -1.19 2.78 -14.26
CA MET A 127 -0.11 2.86 -13.24
C MET A 127 0.27 4.30 -13.00
N VAL A 128 0.46 5.10 -14.06
CA VAL A 128 0.80 6.53 -13.89
C VAL A 128 -0.32 7.33 -13.21
N ARG A 129 -1.56 7.01 -13.60
CA ARG A 129 -2.77 7.60 -12.99
C ARG A 129 -2.93 7.24 -11.53
N ASP A 130 -2.74 5.94 -11.21
CA ASP A 130 -2.92 5.43 -9.84
C ASP A 130 -1.80 6.01 -8.97
N ALA A 131 -0.58 6.16 -9.52
CA ALA A 131 0.55 6.74 -8.75
C ALA A 131 0.27 8.16 -8.39
N GLU A 132 -0.25 8.94 -9.33
CA GLU A 132 -0.57 10.32 -9.02
C GLU A 132 -1.76 10.40 -8.00
N ALA A 133 -2.79 9.55 -8.18
CA ALA A 133 -3.98 9.61 -7.32
C ALA A 133 -3.57 9.28 -5.87
N ASN A 134 -2.45 8.56 -5.71
CA ASN A 134 -1.97 8.06 -4.39
C ASN A 134 -0.66 8.65 -3.99
N ALA A 135 -0.35 9.80 -4.57
CA ALA A 135 0.97 10.41 -4.35
C ALA A 135 1.22 10.73 -2.83
N GLU A 136 0.24 11.37 -2.18
CA GLU A 136 0.41 11.73 -0.74
C GLU A 136 0.50 10.45 0.11
N ALA A 137 -0.38 9.48 -0.14
CA ALA A 137 -0.38 8.24 0.62
C ALA A 137 0.94 7.55 0.46
N ASP A 138 1.47 7.49 -0.77
CA ASP A 138 2.74 6.78 -0.99
C ASP A 138 3.90 7.52 -0.31
N ARG A 139 3.82 8.86 -0.29
CA ARG A 139 4.88 9.70 0.42
C ARG A 139 4.82 9.41 1.93
N LYS A 140 3.61 9.35 2.46
CA LYS A 140 3.44 9.02 3.86
C LYS A 140 3.95 7.65 4.15
N PHE A 141 3.65 6.68 3.25
CA PHE A 141 4.19 5.30 3.48
C PHE A 141 5.74 5.28 3.47
N GLU A 142 6.37 5.98 2.53
CA GLU A 142 7.83 6.05 2.49
C GLU A 142 8.37 6.63 3.80
N GLU A 143 7.79 7.73 4.27
CA GLU A 143 8.25 8.33 5.57
C GLU A 143 8.05 7.35 6.72
N LEU A 144 6.90 6.67 6.72
CA LEU A 144 6.66 5.66 7.78
C LEU A 144 7.76 4.63 7.72
N VAL A 145 8.08 4.16 6.49
CA VAL A 145 9.07 3.07 6.39
C VAL A 145 10.47 3.55 6.90
N GLN A 146 10.82 4.79 6.55
CA GLN A 146 12.09 5.36 7.00
C GLN A 146 12.17 5.33 8.51
N THR A 147 11.07 5.74 9.15
CA THR A 147 11.00 5.76 10.63
C THR A 147 11.04 4.40 11.21
N ARG A 148 10.27 3.49 10.63
CA ARG A 148 10.31 2.10 11.09
C ARG A 148 11.71 1.47 11.02
N ASN A 149 12.40 1.76 9.92
CA ASN A 149 13.71 1.17 9.72
C ASN A 149 14.65 1.75 10.78
N GLN A 150 14.51 3.04 11.08
CA GLN A 150 15.35 3.66 12.17
C GLN A 150 15.01 3.07 13.53
N GLY A 151 13.71 2.84 13.82
CA GLY A 151 13.42 2.24 15.16
C GLY A 151 13.88 0.81 15.25
N ASP A 152 13.78 0.07 14.14
CA ASP A 152 14.16 -1.35 14.06
C ASP A 152 15.67 -1.43 14.41
N HIS A 153 16.47 -0.47 13.91
CA HIS A 153 17.90 -0.50 14.14
C HIS A 153 18.16 -0.05 15.61
N LEU A 154 17.32 0.85 16.15
CA LEU A 154 17.50 1.30 17.53
C LEU A 154 17.19 0.21 18.54
N LEU A 155 16.24 -0.65 18.21
CA LEU A 155 15.95 -1.88 18.94
C LEU A 155 17.20 -2.80 19.00
N HIS A 156 17.75 -3.13 17.82
CA HIS A 156 18.98 -3.94 17.71
C HIS A 156 20.24 -3.29 18.34
N SER A 157 20.60 -2.05 18.00
CA SER A 157 21.76 -1.42 18.67
C SER A 157 21.60 -1.32 20.22
N THR A 158 20.42 -0.93 20.71
CA THR A 158 20.19 -0.82 22.16
C THR A 158 20.36 -2.17 22.84
N ARG A 159 19.73 -3.22 22.30
CA ARG A 159 19.78 -4.57 22.89
C ARG A 159 21.21 -5.09 23.08
N LYS A 160 22.08 -4.81 22.11
CA LYS A 160 23.50 -5.19 22.18
C LYS A 160 24.26 -4.38 23.22
N GLN A 161 24.01 -3.08 23.28
CA GLN A 161 24.55 -2.25 24.39
C GLN A 161 24.14 -2.80 25.76
N VAL A 162 22.89 -3.29 25.89
CA VAL A 162 22.47 -3.96 27.12
C VAL A 162 23.33 -5.19 27.42
N GLU A 163 23.60 -5.99 26.39
CA GLU A 163 24.46 -7.17 26.51
C GLU A 163 25.85 -6.78 26.99
N GLU A 164 26.54 -5.96 26.21
CA GLU A 164 27.90 -5.53 26.52
C GLU A 164 28.06 -4.94 27.92
N ALA A 165 27.27 -3.91 28.24
CA ALA A 165 27.29 -3.29 29.56
C ALA A 165 27.11 -4.28 30.74
N GLY A 166 26.38 -5.38 30.51
CA GLY A 166 25.98 -6.37 31.54
C GLY A 166 25.69 -5.91 32.95
N ASP A 167 26.66 -6.14 33.83
CA ASP A 167 26.52 -5.94 35.26
C ASP A 167 26.68 -4.46 35.62
N LYS A 168 27.32 -3.74 34.71
CA LYS A 168 27.59 -2.30 34.85
C LYS A 168 26.31 -1.48 34.68
N LEU A 169 25.26 -2.11 34.15
CA LEU A 169 23.94 -1.49 34.05
C LEU A 169 23.07 -1.79 35.27
N PRO A 170 22.65 -0.73 36.03
CA PRO A 170 21.78 -0.92 37.22
C PRO A 170 20.48 -1.62 36.87
N ALA A 171 20.01 -2.53 37.73
CA ALA A 171 18.79 -3.33 37.49
C ALA A 171 17.56 -2.48 37.22
N ASP A 172 17.43 -1.37 37.94
CA ASP A 172 16.38 -0.36 37.75
C ASP A 172 16.34 0.10 36.30
N ASP A 173 17.54 0.28 35.75
CA ASP A 173 17.74 0.83 34.39
C ASP A 173 17.46 -0.19 33.35
N LYS A 174 18.00 -1.40 33.52
CA LYS A 174 17.63 -2.49 32.64
C LYS A 174 16.11 -2.61 32.60
N THR A 175 15.45 -2.57 33.76
CA THR A 175 13.98 -2.65 33.80
C THR A 175 13.37 -1.62 32.85
N ALA A 176 13.74 -0.35 33.03
CA ALA A 176 13.11 0.74 32.29
C ALA A 176 13.45 0.59 30.81
N ILE A 177 14.72 0.34 30.48
CA ILE A 177 15.10 0.04 29.10
C ILE A 177 14.30 -1.11 28.48
N GLU A 178 14.15 -2.24 29.21
CA GLU A 178 13.41 -3.40 28.69
C GLU A 178 11.97 -3.03 28.32
N SER A 179 11.30 -2.30 29.21
CA SER A 179 9.90 -1.96 28.96
C SER A 179 9.82 -1.05 27.77
N ALA A 180 10.81 -0.16 27.61
CA ALA A 180 10.75 0.81 26.46
C ALA A 180 11.07 0.15 25.12
N LEU A 181 11.92 -0.88 25.18
CA LEU A 181 12.15 -1.75 24.02
C LEU A 181 10.86 -2.43 23.60
N THR A 182 10.14 -3.05 24.56
CA THR A 182 8.87 -3.67 24.21
C THR A 182 7.89 -2.67 23.66
N ALA A 183 7.83 -1.44 24.21
CA ALA A 183 6.83 -0.48 23.69
C ALA A 183 7.18 -0.03 22.25
N LEU A 184 8.47 0.10 21.97
CA LEU A 184 8.97 0.51 20.63
C LEU A 184 8.61 -0.62 19.66
N GLU A 185 8.89 -1.86 20.08
CA GLU A 185 8.57 -3.03 19.26
C GLU A 185 7.11 -3.02 18.83
N THR A 186 6.22 -2.82 19.79
CA THR A 186 4.78 -2.79 19.47
C THR A 186 4.46 -1.63 18.48
N ALA A 187 4.97 -0.44 18.77
CA ALA A 187 4.70 0.72 17.91
C ALA A 187 5.16 0.52 16.48
N LEU A 188 6.29 -0.17 16.28
CA LEU A 188 6.81 -0.37 14.92
C LEU A 188 5.87 -1.14 13.99
N LYS A 189 5.02 -1.95 14.61
CA LYS A 189 4.00 -2.77 13.89
C LYS A 189 2.85 -1.97 13.38
N GLY A 190 2.60 -0.82 14.03
CA GLY A 190 1.54 0.10 13.57
C GLY A 190 1.96 1.02 12.40
N GLU A 191 1.06 1.93 12.04
CA GLU A 191 1.29 2.81 10.91
C GLU A 191 1.32 4.28 11.28
N ASP A 192 1.52 4.54 12.56
CA ASP A 192 1.52 5.92 13.05
C ASP A 192 3.02 6.29 13.27
N LYS A 193 3.55 7.17 12.43
CA LYS A 193 4.93 7.54 12.43
C LYS A 193 5.27 8.25 13.77
N ALA A 194 4.44 9.21 14.17
CA ALA A 194 4.73 9.96 15.43
C ALA A 194 4.71 9.03 16.63
N ALA A 195 3.77 8.06 16.70
CA ALA A 195 3.80 7.08 17.80
C ALA A 195 5.14 6.38 17.92
N ILE A 196 5.71 6.00 16.78
CA ILE A 196 7.01 5.28 16.75
C ILE A 196 8.07 6.26 17.23
N GLU A 197 8.07 7.48 16.70
CA GLU A 197 9.11 8.40 17.14
C GLU A 197 9.05 8.71 18.65
N ALA A 198 7.81 8.75 19.15
CA ALA A 198 7.56 8.97 20.59
C ALA A 198 8.14 7.85 21.46
N LYS A 199 7.98 6.56 21.08
CA LYS A 199 8.58 5.44 21.78
C LYS A 199 10.09 5.46 21.64
N MET A 200 10.61 5.98 20.52
CA MET A 200 12.09 6.19 20.41
C MET A 200 12.60 7.23 21.45
N GLN A 201 11.86 8.34 21.57
CA GLN A 201 12.12 9.38 22.55
C GLN A 201 12.03 8.79 23.98
N GLU A 202 10.97 8.06 24.28
CA GLU A 202 10.83 7.45 25.61
C GLU A 202 12.01 6.55 25.92
N LEU A 203 12.42 5.76 24.93
CA LEU A 203 13.59 4.86 25.06
C LEU A 203 14.88 5.65 25.30
N ALA A 204 15.12 6.72 24.54
CA ALA A 204 16.29 7.57 24.81
C ALA A 204 16.28 8.04 26.25
N GLN A 205 15.10 8.45 26.72
CA GLN A 205 14.97 9.00 28.09
C GLN A 205 15.23 8.02 29.23
N VAL A 206 15.28 6.72 28.96
CA VAL A 206 15.67 5.75 29.99
C VAL A 206 17.03 5.10 29.69
N SER A 207 17.70 5.52 28.62
CA SER A 207 18.97 4.88 28.20
C SER A 207 20.22 5.72 28.54
N GLN A 208 20.10 6.74 29.40
CA GLN A 208 21.19 7.73 29.56
C GLN A 208 22.42 7.13 30.21
N LYS A 209 22.21 6.36 31.28
CA LYS A 209 23.30 5.60 31.92
C LYS A 209 23.88 4.60 30.90
N LEU A 210 23.02 3.90 30.13
CA LEU A 210 23.54 3.07 29.01
C LEU A 210 24.42 3.86 27.99
N MET A 211 23.97 5.08 27.63
CA MET A 211 24.72 6.04 26.73
C MET A 211 26.13 6.28 27.23
N GLU A 212 26.26 6.51 28.53
CA GLU A 212 27.57 6.80 29.13
C GLU A 212 28.51 5.59 29.15
N ILE A 213 28.03 4.45 29.63
CA ILE A 213 28.81 3.20 29.54
C ILE A 213 29.28 2.99 28.09
N VAL B 1 -9.93 -35.60 7.83
CA VAL B 1 -8.73 -35.31 6.96
C VAL B 1 -7.68 -34.52 7.76
N LEU B 2 -6.40 -34.64 7.35
CA LEU B 2 -5.29 -33.85 7.87
C LEU B 2 -4.80 -32.80 6.84
N LEU B 3 -5.45 -32.78 5.67
CA LEU B 3 -4.99 -31.91 4.55
C LEU B 3 -6.24 -31.36 3.94
N LEU B 4 -6.25 -30.02 3.72
CA LEU B 4 -7.36 -29.37 2.97
C LEU B 4 -6.77 -28.31 2.09
N ASP B 5 -7.24 -28.25 0.87
CA ASP B 5 -6.76 -27.27 -0.13
C ASP B 5 -7.68 -26.07 0.03
N VAL B 6 -7.08 -24.93 0.50
CA VAL B 6 -7.84 -23.77 0.91
C VAL B 6 -7.23 -22.51 0.29
N THR B 7 -8.04 -21.44 0.28
CA THR B 7 -7.40 -20.19 -0.16
C THR B 7 -6.78 -19.60 1.15
N PRO B 8 -5.46 -19.23 1.13
CA PRO B 8 -4.74 -19.04 2.37
C PRO B 8 -5.08 -17.66 3.06
N LEU B 9 -5.58 -16.70 2.26
CA LEU B 9 -5.90 -15.37 2.72
C LEU B 9 -7.24 -14.89 2.15
N SER B 10 -7.83 -13.95 2.88
CA SER B 10 -9.17 -13.38 2.47
C SER B 10 -9.03 -12.71 1.09
N LEU B 11 -10.08 -12.76 0.28
CA LEU B 11 -10.08 -12.16 -1.01
C LEU B 11 -11.29 -11.22 -1.07
N GLY B 12 -11.13 -10.02 -1.65
CA GLY B 12 -12.24 -9.03 -1.55
C GLY B 12 -11.97 -7.87 -2.50
N ILE B 13 -12.71 -6.78 -2.27
CA ILE B 13 -12.49 -5.60 -3.16
C ILE B 13 -12.40 -4.35 -2.26
N GLU B 14 -11.95 -3.26 -2.89
CA GLU B 14 -11.81 -1.98 -2.16
C GLU B 14 -13.18 -1.30 -2.25
N THR B 15 -13.62 -0.73 -1.12
CA THR B 15 -14.86 0.01 -1.04
C THR B 15 -14.53 1.37 -0.44
N MET B 16 -15.53 2.25 -0.51
CA MET B 16 -15.37 3.67 -0.16
C MET B 16 -14.66 3.92 1.14
N GLY B 17 -13.65 4.77 1.03
CA GLY B 17 -12.84 5.12 2.23
C GLY B 17 -11.57 4.27 2.34
N GLY B 18 -11.21 3.54 1.28
CA GLY B 18 -10.00 2.75 1.34
C GLY B 18 -10.14 1.52 2.20
N VAL B 19 -11.27 0.85 2.11
CA VAL B 19 -11.58 -0.26 3.02
C VAL B 19 -11.47 -1.57 2.20
N MET B 20 -10.95 -2.68 2.74
CA MET B 20 -11.13 -4.00 2.05
C MET B 20 -12.41 -4.62 2.59
N THR B 21 -13.29 -4.98 1.67
CA THR B 21 -14.50 -5.69 1.99
C THR B 21 -14.33 -7.09 1.40
N THR B 22 -14.37 -8.12 2.25
CA THR B 22 -14.09 -9.48 1.87
C THR B 22 -15.30 -10.12 1.18
N LEU B 23 -15.01 -10.83 0.10
CA LEU B 23 -15.99 -11.79 -0.54
C LEU B 23 -15.75 -13.27 -0.12
N ILE B 24 -14.50 -13.70 0.03
CA ILE B 24 -14.16 -15.08 0.42
C ILE B 24 -13.19 -15.00 1.60
N ALA B 25 -13.56 -15.58 2.75
CA ALA B 25 -12.69 -15.54 3.95
C ALA B 25 -11.48 -16.43 3.82
N LYS B 26 -10.40 -16.11 4.52
CA LYS B 26 -9.24 -16.97 4.49
C LYS B 26 -9.64 -18.40 4.94
N ASN B 27 -8.89 -19.37 4.47
CA ASN B 27 -9.02 -20.78 4.87
C ASN B 27 -10.30 -21.42 4.33
N THR B 28 -10.92 -20.80 3.33
CA THR B 28 -12.13 -21.41 2.73
C THR B 28 -11.64 -22.55 1.83
N THR B 29 -12.28 -23.71 1.92
CA THR B 29 -11.92 -24.76 0.99
C THR B 29 -12.26 -24.43 -0.50
N ILE B 30 -11.41 -24.88 -1.38
CA ILE B 30 -11.66 -24.66 -2.82
C ILE B 30 -12.17 -26.00 -3.40
N PRO B 31 -12.98 -25.91 -4.48
CA PRO B 31 -13.53 -24.78 -5.13
C PRO B 31 -14.59 -24.04 -4.32
N THR B 32 -14.76 -22.74 -4.59
CA THR B 32 -15.74 -21.97 -3.82
C THR B 32 -16.18 -20.79 -4.65
N LYS B 33 -17.36 -20.24 -4.31
CA LYS B 33 -17.83 -19.01 -4.99
C LYS B 33 -18.71 -18.26 -4.00
N HIS B 34 -18.70 -16.95 -4.13
CA HIS B 34 -19.54 -16.06 -3.37
C HIS B 34 -19.86 -14.76 -4.12
N SER B 35 -21.06 -14.23 -3.90
CA SER B 35 -21.53 -12.98 -4.56
C SER B 35 -22.05 -12.07 -3.49
N GLN B 36 -21.88 -10.76 -3.73
CA GLN B 36 -22.38 -9.73 -2.82
C GLN B 36 -22.73 -8.55 -3.68
N VAL B 37 -23.81 -7.85 -3.32
CA VAL B 37 -24.23 -6.63 -4.07
C VAL B 37 -23.63 -5.37 -3.48
N PHE B 38 -23.08 -4.52 -4.36
CA PHE B 38 -22.46 -3.24 -3.91
C PHE B 38 -23.19 -2.11 -4.65
N SER B 39 -22.88 -0.87 -4.29
CA SER B 39 -23.47 0.28 -5.00
C SER B 39 -22.41 1.35 -5.24
N THR B 40 -22.87 2.45 -5.76
CA THR B 40 -22.03 3.58 -6.09
C THR B 40 -21.83 4.51 -4.86
N ALA B 41 -20.64 5.10 -4.78
CA ALA B 41 -20.27 6.01 -3.69
C ALA B 41 -20.79 7.43 -3.82
N GLU B 42 -21.11 7.90 -5.04
CA GLU B 42 -21.59 9.26 -5.25
C GLU B 42 -22.73 9.30 -6.23
N ASP B 43 -23.53 10.34 -6.07
CA ASP B 43 -24.68 10.52 -6.96
C ASP B 43 -24.27 10.61 -8.43
N ASN B 44 -25.04 9.93 -9.29
CA ASN B 44 -24.83 9.93 -10.78
C ASN B 44 -23.50 9.36 -11.24
N GLN B 45 -22.85 8.62 -10.35
CA GLN B 45 -21.62 7.92 -10.70
C GLN B 45 -21.89 7.01 -11.92
N SER B 46 -21.05 7.12 -12.93
CA SER B 46 -21.27 6.34 -14.17
C SER B 46 -20.41 5.11 -14.26
N ALA B 47 -19.43 4.94 -13.37
CA ALA B 47 -18.55 3.78 -13.44
C ALA B 47 -18.03 3.47 -12.06
N VAL B 48 -17.63 2.23 -11.88
CA VAL B 48 -16.90 1.75 -10.65
C VAL B 48 -15.56 1.13 -11.06
N THR B 49 -14.56 1.14 -10.19
CA THR B 49 -13.38 0.30 -10.40
C THR B 49 -13.51 -0.82 -9.39
N ILE B 50 -13.35 -2.03 -9.88
CA ILE B 50 -13.34 -3.21 -9.04
C ILE B 50 -11.84 -3.49 -8.79
N HIS B 51 -11.37 -3.18 -7.58
N HIS B 51 -11.37 -3.16 -7.58
CA HIS B 51 -9.94 -3.39 -7.23
CA HIS B 51 -9.95 -3.32 -7.21
C HIS B 51 -9.89 -4.67 -6.39
C HIS B 51 -9.89 -4.64 -6.39
N VAL B 52 -9.29 -5.71 -6.94
CA VAL B 52 -9.32 -7.04 -6.28
C VAL B 52 -8.13 -7.13 -5.34
N LEU B 53 -8.37 -7.59 -4.09
CA LEU B 53 -7.34 -7.57 -3.07
C LEU B 53 -7.25 -8.89 -2.32
N GLN B 54 -6.05 -9.23 -1.87
CA GLN B 54 -5.86 -10.43 -1.06
C GLN B 54 -5.20 -10.01 0.27
N GLY B 55 -5.74 -10.41 1.42
CA GLY B 55 -5.14 -9.98 2.69
C GLY B 55 -6.17 -9.90 3.78
N GLU B 56 -5.62 -9.60 4.99
CA GLU B 56 -6.42 -9.61 6.24
C GLU B 56 -6.60 -8.23 6.80
N ARG B 57 -5.97 -7.20 6.17
CA ARG B 57 -6.11 -5.84 6.81
C ARG B 57 -7.41 -5.14 6.42
N LYS B 58 -7.95 -4.29 7.30
CA LYS B 58 -9.17 -3.54 6.89
C LYS B 58 -8.80 -2.34 6.00
N ARG B 59 -7.54 -1.89 6.06
CA ARG B 59 -7.07 -0.77 5.16
C ARG B 59 -6.65 -1.48 3.83
N ALA B 60 -7.36 -1.15 2.75
CA ALA B 60 -7.18 -1.72 1.40
C ALA B 60 -5.70 -1.60 1.00
N ALA B 61 -5.04 -0.50 1.41
CA ALA B 61 -3.69 -0.21 0.90
C ALA B 61 -2.67 -1.17 1.47
N ASP B 62 -3.00 -1.88 2.59
CA ASP B 62 -2.07 -2.78 3.15
C ASP B 62 -2.30 -4.22 2.75
N ASN B 63 -3.19 -4.45 1.82
CA ASN B 63 -3.40 -5.79 1.18
C ASN B 63 -2.80 -5.79 -0.18
N LYS B 64 -2.65 -7.00 -0.70
CA LYS B 64 -1.97 -7.18 -1.95
C LYS B 64 -2.95 -7.05 -3.11
N SER B 65 -2.68 -6.10 -4.03
CA SER B 65 -3.52 -5.96 -5.24
CA SER B 65 -3.62 -6.03 -5.20
C SER B 65 -3.35 -7.17 -6.16
N LEU B 66 -4.44 -7.80 -6.61
CA LEU B 66 -4.39 -8.96 -7.54
C LEU B 66 -4.78 -8.50 -8.93
N GLY B 67 -5.36 -7.32 -9.07
CA GLY B 67 -5.94 -7.00 -10.42
C GLY B 67 -6.99 -5.93 -10.28
N GLN B 68 -7.33 -5.32 -11.39
CA GLN B 68 -8.44 -4.31 -11.36
C GLN B 68 -9.12 -4.24 -12.70
N PHE B 69 -10.39 -3.91 -12.72
CA PHE B 69 -11.06 -3.57 -13.98
C PHE B 69 -12.18 -2.61 -13.71
N ASN B 70 -12.67 -1.92 -14.74
CA ASN B 70 -13.77 -0.99 -14.56
C ASN B 70 -15.07 -1.52 -15.11
N LEU B 71 -16.15 -1.09 -14.54
CA LEU B 71 -17.51 -1.35 -15.07
C LEU B 71 -18.15 0.01 -15.30
N ASP B 72 -18.51 0.21 -16.58
CA ASP B 72 -18.99 1.46 -17.16
C ASP B 72 -20.49 1.38 -17.33
N GLY B 73 -21.06 2.50 -17.75
CA GLY B 73 -22.43 2.50 -18.24
C GLY B 73 -23.52 2.46 -17.18
N ILE B 74 -23.18 2.78 -15.94
CA ILE B 74 -24.14 2.90 -14.88
C ILE B 74 -25.00 4.13 -15.09
N ASN B 75 -26.31 3.92 -15.07
CA ASN B 75 -27.26 4.99 -15.38
C ASN B 75 -27.37 5.99 -14.22
N PRO B 76 -27.69 7.25 -14.51
CA PRO B 76 -27.79 8.22 -13.41
C PRO B 76 -28.75 7.76 -12.31
N ALA B 77 -28.36 7.93 -11.05
CA ALA B 77 -29.19 7.54 -9.93
C ALA B 77 -28.53 8.10 -8.68
N PRO B 78 -29.31 8.39 -7.62
CA PRO B 78 -28.68 8.73 -6.34
C PRO B 78 -27.69 7.66 -5.89
N ARG B 79 -26.63 8.09 -5.19
CA ARG B 79 -25.73 7.11 -4.63
C ARG B 79 -26.43 6.06 -3.81
N GLY B 80 -25.92 4.84 -3.93
CA GLY B 80 -26.45 3.76 -3.10
C GLY B 80 -27.60 3.02 -3.72
N MET B 81 -28.14 3.53 -4.87
CA MET B 81 -29.28 2.90 -5.49
CA MET B 81 -29.33 2.99 -5.61
C MET B 81 -28.92 1.89 -6.61
N PRO B 82 -27.84 2.13 -7.41
CA PRO B 82 -27.51 1.06 -8.34
C PRO B 82 -27.17 -0.28 -7.66
N GLN B 83 -27.43 -1.41 -8.33
CA GLN B 83 -27.08 -2.70 -7.74
C GLN B 83 -26.00 -3.31 -8.60
N ILE B 84 -24.78 -3.41 -8.08
CA ILE B 84 -23.64 -3.90 -8.81
C ILE B 84 -23.31 -5.24 -8.13
N GLU B 85 -23.67 -6.36 -8.77
CA GLU B 85 -23.39 -7.68 -8.18
C GLU B 85 -21.94 -8.12 -8.48
N VAL B 86 -21.17 -8.32 -7.38
CA VAL B 86 -19.76 -8.76 -7.54
C VAL B 86 -19.62 -10.22 -7.19
N THR B 87 -19.06 -11.03 -8.09
CA THR B 87 -18.93 -12.45 -7.86
C THR B 87 -17.45 -12.85 -7.91
N PHE B 88 -17.05 -13.66 -6.94
CA PHE B 88 -15.68 -14.28 -6.88
C PHE B 88 -15.94 -15.76 -6.93
N ASP B 89 -15.25 -16.45 -7.85
CA ASP B 89 -15.35 -17.87 -8.02
C ASP B 89 -13.92 -18.44 -8.22
N ILE B 90 -13.50 -19.31 -7.29
CA ILE B 90 -12.18 -19.96 -7.40
C ILE B 90 -12.44 -21.37 -7.78
N ASP B 91 -11.81 -21.77 -8.85
CA ASP B 91 -12.15 -23.12 -9.37
C ASP B 91 -11.22 -24.18 -8.74
N ALA B 92 -11.35 -25.46 -9.14
CA ALA B 92 -10.50 -26.54 -8.61
C ALA B 92 -9.04 -26.43 -8.84
N ASP B 93 -8.67 -25.62 -9.82
CA ASP B 93 -7.29 -25.35 -10.15
C ASP B 93 -6.70 -24.09 -9.51
N GLY B 94 -7.48 -23.42 -8.64
CA GLY B 94 -7.10 -22.20 -7.97
C GLY B 94 -7.13 -20.95 -8.82
N ILE B 95 -7.82 -20.97 -9.98
CA ILE B 95 -7.95 -19.79 -10.85
C ILE B 95 -9.15 -18.99 -10.29
N LEU B 96 -8.93 -17.67 -10.16
CA LEU B 96 -9.95 -16.78 -9.58
C LEU B 96 -10.58 -15.99 -10.69
N HIS B 97 -11.91 -16.10 -10.78
CA HIS B 97 -12.70 -15.35 -11.75
C HIS B 97 -13.47 -14.30 -10.98
N VAL B 98 -13.30 -13.03 -11.31
CA VAL B 98 -14.08 -11.95 -10.64
C VAL B 98 -14.94 -11.27 -11.69
N SER B 99 -16.22 -11.11 -11.39
CA SER B 99 -17.12 -10.40 -12.30
C SER B 99 -17.90 -9.34 -11.55
N ALA B 100 -18.24 -8.32 -12.30
CA ALA B 100 -19.21 -7.39 -11.81
C ALA B 100 -20.30 -7.10 -12.83
N LYS B 101 -21.53 -7.15 -12.32
CA LYS B 101 -22.71 -6.93 -13.20
C LYS B 101 -23.63 -5.84 -12.63
N ASP B 102 -24.04 -4.92 -13.51
CA ASP B 102 -25.07 -3.94 -13.14
C ASP B 102 -26.42 -4.46 -13.54
N LYS B 103 -27.26 -4.66 -12.53
CA LYS B 103 -28.56 -5.31 -12.69
C LYS B 103 -29.51 -4.43 -13.51
N ASN B 104 -29.34 -3.12 -13.46
CA ASN B 104 -30.18 -2.21 -14.30
C ASN B 104 -29.74 -2.06 -15.74
N SER B 105 -28.46 -1.77 -15.99
CA SER B 105 -27.96 -1.60 -17.35
C SER B 105 -27.77 -2.97 -18.04
N GLY B 106 -27.74 -4.06 -17.27
CA GLY B 106 -27.27 -5.37 -17.75
C GLY B 106 -25.83 -5.50 -18.23
N LYS B 107 -25.00 -4.45 -18.08
CA LYS B 107 -23.57 -4.50 -18.45
C LYS B 107 -22.77 -5.33 -17.44
N GLU B 108 -21.77 -6.06 -17.92
CA GLU B 108 -20.90 -6.87 -17.05
C GLU B 108 -19.45 -6.82 -17.52
N GLN B 109 -18.51 -6.88 -16.57
CA GLN B 109 -17.13 -6.95 -16.95
C GLN B 109 -16.55 -8.02 -16.00
N LYS B 110 -15.43 -8.65 -16.41
CA LYS B 110 -14.78 -9.66 -15.55
C LYS B 110 -13.28 -9.74 -15.83
N ILE B 111 -12.54 -10.31 -14.89
CA ILE B 111 -11.15 -10.67 -15.13
C ILE B 111 -10.90 -12.05 -14.62
N THR B 112 -9.80 -12.60 -15.11
CA THR B 112 -9.33 -13.93 -14.68
C THR B 112 -7.96 -13.73 -14.05
N ILE B 113 -7.74 -14.28 -12.86
CA ILE B 113 -6.48 -14.09 -12.10
C ILE B 113 -5.90 -15.47 -11.80
N LYS B 114 -4.67 -15.72 -12.27
CA LYS B 114 -4.13 -17.08 -12.22
C LYS B 114 -3.74 -17.44 -10.80
N ALA B 115 -3.68 -18.76 -10.59
CA ALA B 115 -3.48 -19.37 -9.26
C ALA B 115 -2.19 -18.94 -8.56
N SER B 116 -1.18 -18.61 -9.36
CA SER B 116 0.07 -18.27 -8.77
C SER B 116 0.11 -16.81 -8.25
N SER B 117 -0.93 -16.02 -8.51
CA SER B 117 -0.97 -14.61 -8.11
C SER B 117 -0.91 -14.38 -6.64
N GLY B 118 -0.62 -13.15 -6.21
CA GLY B 118 -0.78 -12.81 -4.82
C GLY B 118 0.46 -13.12 -3.94
N LEU B 119 0.24 -13.29 -2.64
CA LEU B 119 1.37 -13.41 -1.68
C LEU B 119 1.91 -14.83 -1.58
N ASN B 120 3.23 -14.99 -1.39
CA ASN B 120 3.81 -16.31 -1.28
C ASN B 120 3.71 -16.77 0.18
N GLU B 121 4.18 -17.99 0.47
CA GLU B 121 4.02 -18.58 1.83
C GLU B 121 4.58 -17.72 2.98
N ASP B 122 5.79 -17.18 2.83
CA ASP B 122 6.34 -16.29 3.86
CA ASP B 122 6.29 -16.33 3.90
C ASP B 122 5.48 -15.05 4.05
N GLU B 123 5.00 -14.48 2.94
CA GLU B 123 4.25 -13.19 3.00
C GLU B 123 2.87 -13.45 3.58
N ILE B 124 2.37 -14.67 3.38
CA ILE B 124 1.03 -15.09 3.96
C ILE B 124 1.19 -15.09 5.47
N GLN B 125 2.25 -15.74 5.99
CA GLN B 125 2.43 -15.82 7.45
C GLN B 125 2.60 -14.40 8.06
N LYS B 126 3.26 -13.53 7.35
CA LYS B 126 3.55 -12.20 7.86
C LYS B 126 2.26 -11.38 7.87
N MET B 127 1.46 -11.59 6.81
CA MET B 127 0.14 -10.93 6.72
C MET B 127 -0.79 -11.24 7.88
N VAL B 128 -0.94 -12.54 8.16
CA VAL B 128 -1.74 -12.99 9.33
C VAL B 128 -1.27 -12.30 10.63
N ARG B 129 0.05 -12.26 10.87
CA ARG B 129 0.63 -11.69 12.12
C ARG B 129 0.40 -10.21 12.13
N ASP B 130 0.55 -9.60 10.95
CA ASP B 130 0.35 -8.15 10.81
C ASP B 130 -1.09 -7.73 11.14
N ALA B 131 -2.04 -8.49 10.63
CA ALA B 131 -3.43 -8.19 10.94
C ALA B 131 -3.76 -8.41 12.41
N GLU B 132 -3.12 -9.40 13.06
CA GLU B 132 -3.40 -9.59 14.51
C GLU B 132 -2.80 -8.41 15.28
N ALA B 133 -1.58 -7.98 14.88
CA ALA B 133 -0.95 -6.81 15.54
C ALA B 133 -1.75 -5.50 15.38
N ASN B 134 -2.46 -5.38 14.26
CA ASN B 134 -3.19 -4.20 13.90
C ASN B 134 -4.68 -4.34 14.03
N ALA B 135 -5.12 -5.31 14.83
CA ALA B 135 -6.57 -5.55 14.90
C ALA B 135 -7.31 -4.35 15.53
N GLU B 136 -6.74 -3.74 16.57
CA GLU B 136 -7.40 -2.61 17.24
C GLU B 136 -7.34 -1.35 16.34
N ALA B 137 -6.17 -1.10 15.75
CA ALA B 137 -6.02 0.11 14.94
C ALA B 137 -7.02 -0.04 13.77
N ASP B 138 -7.18 -1.24 13.24
CA ASP B 138 -8.07 -1.43 12.05
C ASP B 138 -9.55 -1.25 12.46
N ARG B 139 -9.88 -1.64 13.69
CA ARG B 139 -11.26 -1.40 14.20
C ARG B 139 -11.49 0.13 14.32
N LYS B 140 -10.48 0.84 14.77
CA LYS B 140 -10.58 2.33 14.84
C LYS B 140 -10.62 2.95 13.46
N PHE B 141 -9.86 2.39 12.53
CA PHE B 141 -9.91 2.85 11.14
C PHE B 141 -11.32 2.71 10.57
N GLU B 142 -11.93 1.57 10.82
CA GLU B 142 -13.30 1.39 10.30
C GLU B 142 -14.26 2.46 10.83
N GLU B 143 -14.16 2.87 12.11
CA GLU B 143 -15.00 4.00 12.55
C GLU B 143 -14.66 5.33 11.84
N LEU B 144 -13.38 5.65 11.75
CA LEU B 144 -12.96 6.89 11.10
C LEU B 144 -13.53 6.90 9.67
N VAL B 145 -13.60 5.73 9.01
CA VAL B 145 -14.07 5.74 7.59
C VAL B 145 -15.58 6.12 7.49
N GLN B 146 -16.38 5.65 8.42
CA GLN B 146 -17.82 6.01 8.46
C GLN B 146 -17.97 7.54 8.46
N THR B 147 -17.19 8.19 9.33
CA THR B 147 -17.20 9.66 9.41
C THR B 147 -16.64 10.24 8.17
N ARG B 148 -15.49 9.73 7.69
CA ARG B 148 -14.90 10.31 6.47
C ARG B 148 -15.87 10.23 5.30
N ASN B 149 -16.62 9.12 5.22
CA ASN B 149 -17.48 8.97 4.07
C ASN B 149 -18.66 9.91 4.14
N GLN B 150 -19.15 10.21 5.37
CA GLN B 150 -20.22 11.23 5.46
C GLN B 150 -19.66 12.59 4.95
N GLY B 151 -18.39 12.87 5.31
CA GLY B 151 -17.75 14.16 5.06
C GLY B 151 -17.65 14.25 3.55
N ASP B 152 -17.16 13.15 2.94
CA ASP B 152 -17.01 13.02 1.50
C ASP B 152 -18.34 13.27 0.78
N HIS B 153 -19.40 12.63 1.30
CA HIS B 153 -20.74 12.85 0.71
C HIS B 153 -21.21 14.28 0.77
N LEU B 154 -20.92 14.95 1.90
CA LEU B 154 -21.36 16.34 2.10
C LEU B 154 -20.62 17.26 1.16
N LEU B 155 -19.34 16.99 0.97
CA LEU B 155 -18.48 17.77 0.05
C LEU B 155 -19.02 17.67 -1.34
N HIS B 156 -19.42 16.47 -1.70
CA HIS B 156 -19.99 16.27 -3.02
C HIS B 156 -21.37 16.89 -3.22
N SER B 157 -22.30 16.66 -2.31
CA SER B 157 -23.66 17.18 -2.47
C SER B 157 -23.66 18.74 -2.38
N THR B 158 -22.77 19.29 -1.57
CA THR B 158 -22.63 20.78 -1.50
C THR B 158 -22.11 21.37 -2.81
N ARG B 159 -21.10 20.72 -3.39
CA ARG B 159 -20.49 21.19 -4.65
C ARG B 159 -21.54 21.26 -5.79
N LYS B 160 -22.40 20.24 -5.84
CA LYS B 160 -23.49 20.10 -6.85
C LYS B 160 -24.55 21.21 -6.74
N GLN B 161 -24.98 21.47 -5.51
CA GLN B 161 -25.95 22.51 -5.18
C GLN B 161 -25.40 23.91 -5.53
N VAL B 162 -24.10 24.15 -5.25
CA VAL B 162 -23.48 25.41 -5.66
C VAL B 162 -23.53 25.58 -7.17
N GLU B 163 -23.22 24.51 -7.91
CA GLU B 163 -23.30 24.56 -9.39
C GLU B 163 -24.70 24.88 -9.92
N GLU B 164 -25.71 24.18 -9.36
CA GLU B 164 -27.15 24.30 -9.70
C GLU B 164 -27.71 25.68 -9.43
N ALA B 165 -27.31 26.22 -8.27
CA ALA B 165 -27.63 27.59 -7.87
C ALA B 165 -27.00 28.66 -8.82
N GLY B 166 -25.78 28.38 -9.32
CA GLY B 166 -25.05 29.31 -10.19
C GLY B 166 -25.03 30.72 -9.61
N ASP B 167 -25.39 31.68 -10.48
CA ASP B 167 -25.65 33.09 -10.18
C ASP B 167 -26.49 33.38 -8.93
N LYS B 168 -27.57 32.60 -8.72
CA LYS B 168 -28.55 32.91 -7.67
C LYS B 168 -28.02 33.01 -6.23
N LEU B 169 -26.90 32.31 -5.95
CA LEU B 169 -26.27 32.30 -4.62
C LEU B 169 -25.48 33.59 -4.40
N PRO B 170 -25.83 34.40 -3.37
CA PRO B 170 -25.14 35.70 -3.20
C PRO B 170 -23.63 35.47 -3.07
N ALA B 171 -22.86 36.04 -3.99
CA ALA B 171 -21.47 35.60 -4.21
C ALA B 171 -20.51 35.97 -3.07
N ASP B 172 -21.07 36.21 -1.88
CA ASP B 172 -20.32 36.29 -0.64
C ASP B 172 -20.66 35.07 0.23
N ASP B 173 -21.87 34.53 0.07
CA ASP B 173 -22.24 33.25 0.68
C ASP B 173 -21.47 32.18 -0.03
N LYS B 174 -21.20 32.40 -1.32
CA LYS B 174 -20.36 31.52 -2.15
C LYS B 174 -18.93 31.52 -1.60
N THR B 175 -18.34 32.70 -1.44
CA THR B 175 -17.03 32.85 -0.81
C THR B 175 -16.84 31.97 0.46
N ALA B 176 -17.82 32.08 1.36
CA ALA B 176 -17.85 31.40 2.63
C ALA B 176 -17.88 29.88 2.43
N ILE B 177 -18.65 29.42 1.44
CA ILE B 177 -18.83 28.00 1.20
C ILE B 177 -17.54 27.32 0.71
N GLU B 178 -16.89 27.90 -0.28
CA GLU B 178 -15.55 27.53 -0.78
C GLU B 178 -14.54 27.39 0.32
N SER B 179 -14.45 28.42 1.16
CA SER B 179 -13.60 28.36 2.36
C SER B 179 -13.85 27.09 3.20
N ALA B 180 -15.12 26.87 3.53
CA ALA B 180 -15.53 25.80 4.44
C ALA B 180 -15.38 24.43 3.74
N LEU B 181 -15.56 24.39 2.42
CA LEU B 181 -15.28 23.16 1.63
C LEU B 181 -13.80 22.75 1.74
N THR B 182 -12.87 23.69 1.52
CA THR B 182 -11.44 23.43 1.70
C THR B 182 -11.13 22.91 3.13
N ALA B 183 -11.73 23.54 4.13
CA ALA B 183 -11.41 23.24 5.50
C ALA B 183 -11.87 21.79 5.80
N LEU B 184 -12.97 21.40 5.15
CA LEU B 184 -13.51 20.06 5.41
C LEU B 184 -12.62 19.02 4.75
N GLU B 185 -12.25 19.29 3.50
CA GLU B 185 -11.27 18.49 2.74
C GLU B 185 -10.00 18.23 3.54
N THR B 186 -9.44 19.23 4.19
CA THR B 186 -8.32 19.01 5.10
C THR B 186 -8.60 18.15 6.34
N ALA B 187 -9.71 18.41 7.01
CA ALA B 187 -10.02 17.56 8.20
C ALA B 187 -10.07 16.07 7.79
N LEU B 188 -10.56 15.81 6.57
CA LEU B 188 -10.74 14.43 6.11
C LEU B 188 -9.47 13.62 6.01
N LYS B 189 -8.35 14.31 5.78
CA LYS B 189 -7.05 13.69 5.72
C LYS B 189 -6.47 13.33 7.08
N GLY B 190 -6.94 13.98 8.15
CA GLY B 190 -6.57 13.64 9.54
C GLY B 190 -7.29 12.41 10.10
N GLU B 191 -6.98 12.01 11.33
CA GLU B 191 -7.64 10.80 11.89
C GLU B 191 -8.65 11.14 13.03
N ASP B 192 -9.04 12.42 13.16
CA ASP B 192 -9.87 12.83 14.25
C ASP B 192 -11.29 12.90 13.78
N LYS B 193 -12.18 12.06 14.32
CA LYS B 193 -13.58 12.10 13.84
C LYS B 193 -14.30 13.40 14.24
N ALA B 194 -14.04 13.88 15.46
CA ALA B 194 -14.75 15.10 15.90
C ALA B 194 -14.31 16.26 15.03
N ALA B 195 -13.03 16.29 14.68
CA ALA B 195 -12.52 17.34 13.82
C ALA B 195 -13.21 17.38 12.44
N ILE B 196 -13.53 16.21 11.87
CA ILE B 196 -14.32 16.11 10.66
C ILE B 196 -15.74 16.64 10.82
N GLU B 197 -16.42 16.14 11.84
CA GLU B 197 -17.76 16.56 12.09
C GLU B 197 -17.82 18.07 12.35
N ALA B 198 -16.81 18.58 13.06
CA ALA B 198 -16.75 20.04 13.32
C ALA B 198 -16.74 20.82 12.01
N LYS B 199 -15.91 20.42 11.04
CA LYS B 199 -15.85 21.07 9.76
C LYS B 199 -17.09 20.92 8.92
N MET B 200 -17.76 19.75 9.04
CA MET B 200 -19.08 19.58 8.39
C MET B 200 -20.12 20.60 8.92
N GLN B 201 -20.06 20.82 10.23
CA GLN B 201 -20.89 21.81 10.89
C GLN B 201 -20.62 23.21 10.41
N GLU B 202 -19.34 23.58 10.34
CA GLU B 202 -18.98 24.91 9.86
C GLU B 202 -19.54 25.14 8.46
N LEU B 203 -19.57 24.07 7.66
CA LEU B 203 -20.06 24.13 6.29
C LEU B 203 -21.57 24.39 6.30
N ALA B 204 -22.30 23.60 7.11
CA ALA B 204 -23.76 23.72 7.21
C ALA B 204 -24.15 25.18 7.59
N GLN B 205 -23.40 25.79 8.51
CA GLN B 205 -23.68 27.15 9.03
C GLN B 205 -23.54 28.30 8.03
N VAL B 206 -22.95 28.03 6.87
CA VAL B 206 -22.76 29.03 5.79
C VAL B 206 -23.55 28.59 4.55
N SER B 207 -24.29 27.49 4.68
CA SER B 207 -25.04 26.87 3.58
C SER B 207 -26.56 27.15 3.65
N GLN B 208 -26.96 27.96 4.62
CA GLN B 208 -28.32 28.49 4.82
C GLN B 208 -29.15 28.85 3.57
N LYS B 209 -28.64 29.81 2.81
CA LYS B 209 -29.33 30.34 1.65
C LYS B 209 -29.27 29.29 0.55
N LEU B 210 -28.12 28.60 0.49
CA LEU B 210 -27.90 27.57 -0.55
C LEU B 210 -28.99 26.50 -0.46
N MET B 211 -29.17 25.95 0.74
CA MET B 211 -30.21 24.96 1.05
C MET B 211 -31.59 25.44 0.63
N GLU B 212 -31.92 26.68 1.04
CA GLU B 212 -33.15 27.33 0.62
C GLU B 212 -33.28 27.47 -0.90
N ILE B 213 -32.21 27.90 -1.59
CA ILE B 213 -32.16 27.92 -3.07
C ILE B 213 -32.45 26.57 -3.76
N ALA B 214 -31.78 25.49 -3.35
CA ALA B 214 -31.98 24.13 -3.89
C ALA B 214 -33.31 23.52 -3.47
N LEU C 4 22.33 5.14 1.28
CA LEU C 4 22.64 3.61 1.01
C LEU C 4 21.50 2.69 1.47
N TYR C 5 20.79 2.02 0.53
CA TYR C 5 19.65 1.24 0.90
C TYR C 5 20.02 -0.19 1.16
N ALC C 6 19.12 -0.84 1.88
CA ALC C 6 19.38 -2.15 2.42
C ALC C 6 18.36 -3.17 1.89
O ALC C 6 17.19 -2.85 1.60
CB ALC C 6 19.38 -2.11 3.99
CG ALC C 6 20.20 -0.98 4.59
CD2 ALC C 6 20.05 -1.09 6.14
CE2 ALC C 6 20.85 0.11 6.75
CZ ALC C 6 22.34 -0.03 6.37
CE1 ALC C 6 22.54 -0.04 4.84
CD1 ALC C 6 21.67 -1.20 4.25
N ILE C 7 18.83 -4.37 1.72
CA ILE C 7 18.01 -5.43 1.11
C ILE C 7 17.78 -6.57 2.09
N PRO C 8 16.52 -6.99 2.24
CA PRO C 8 16.31 -8.03 3.25
C PRO C 8 16.71 -9.45 2.81
N ARG C 9 16.70 -10.34 3.77
CA ARG C 9 17.08 -11.70 3.40
C ARG C 9 15.89 -12.43 2.71
N PRO C 10 16.20 -13.58 2.06
CA PRO C 10 15.13 -14.25 1.35
C PRO C 10 14.15 -14.77 2.40
N PRO C 11 12.87 -14.85 2.02
N LEU D 4 -24.68 -2.85 2.92
CA LEU D 4 -24.48 -2.26 1.54
C LEU D 4 -23.28 -1.28 1.44
N TYR D 5 -22.20 -1.76 0.83
CA TYR D 5 -20.96 -0.99 0.72
C TYR D 5 -20.86 -0.37 -0.66
N ALC D 6 -20.13 0.74 -0.76
CA ALC D 6 -20.11 1.55 -1.94
C ALC D 6 -18.76 1.51 -2.61
O ALC D 6 -17.70 1.31 -1.95
CB ALC D 6 -20.47 3.00 -1.54
CG ALC D 6 -21.69 3.04 -0.62
CD2 ALC D 6 -21.90 4.53 -0.34
CE2 ALC D 6 -23.14 4.71 0.58
CZ ALC D 6 -24.38 4.14 -0.11
CE1 ALC D 6 -24.22 2.65 -0.43
CD1 ALC D 6 -22.97 2.47 -1.31
N ILE D 7 -18.77 1.59 -3.94
CA ILE D 7 -17.55 1.49 -4.70
C ILE D 7 -17.20 2.82 -5.38
N PRO D 8 -15.93 3.29 -5.25
CA PRO D 8 -15.68 4.59 -5.86
C PRO D 8 -15.47 4.51 -7.40
N ARG D 9 -15.47 5.69 -8.02
CA ARG D 9 -15.34 5.78 -9.48
C ARG D 9 -13.89 5.51 -9.85
N PRO D 10 -13.61 5.19 -11.14
CA PRO D 10 -12.19 5.05 -11.58
C PRO D 10 -11.37 6.32 -11.39
N PRO D 11 -10.12 6.17 -10.96
S SO4 E . 2.07 -19.12 -14.14
O1 SO4 E . 2.46 -18.35 -12.94
O2 SO4 E . 2.20 -18.20 -15.31
O3 SO4 E . 3.01 -20.27 -14.27
O4 SO4 E . 0.67 -19.71 -14.13
S SO4 F . -4.86 7.90 7.14
O1 SO4 F . -5.20 8.96 6.13
O2 SO4 F . -3.64 7.17 6.66
O3 SO4 F . -4.66 8.64 8.40
O4 SO4 F . -6.03 6.97 7.33
#